data_5N5U
#
_entry.id   5N5U
#
_cell.length_a   52.582
_cell.length_b   38.735
_cell.length_c   82.034
_cell.angle_alpha   90.000
_cell.angle_beta   90.280
_cell.angle_gamma   90.000
#
_symmetry.space_group_name_H-M   'P 1 2 1'
#
loop_
_entity.id
_entity.type
_entity.pdbx_description
1 polymer 'Tyrosine--tRNA ligase'
2 non-polymer 'ADENOSINE MONOPHOSPHATE'
3 non-polymer 4-Borono-L-phenylalanine
4 non-polymer 'CHLORIDE ION'
5 water water
#
_entity_poly.entity_id   1
_entity_poly.type   'polypeptide(L)'
_entity_poly.pdbx_seq_one_letter_code
;MDEFELIKRNTSEIISEEELREVLKKDEKSASIGFEPSGKIHLGHYLQIKKMIDLQNAGFDIIIALADLMAYLNQKGELD
EIRKIGDYNKKVFEAMGLKAKYVYGSEFQLDKDYTLNVYRLALKTTLKRARRSMELIAREDENPKVAEVIYPIMQVNSIH
YEGVDVAVGGMEQRKIHMLARELLPKKVVCIHNPVLTGLDGEGKMSSSKGNFIAVDDSPEEIRAKIKKAYCPAGVVEGNP
IMEIAKYFLEYPLTIKRPEKFGGDLTVNSYEELESLFKNKELHPMRLKNAVAEELIKILEPIRKRLSAHHHHHH
;
_entity_poly.pdbx_strand_id   A
#
# COMPACT_ATOMS: atom_id res chain seq x y z
N MET A 1 15.13 -16.30 5.50
CA MET A 1 15.22 -16.10 4.01
C MET A 1 16.37 -15.10 3.65
N ASP A 2 16.81 -15.08 2.37
CA ASP A 2 17.86 -14.16 1.85
C ASP A 2 17.14 -12.84 1.47
N GLU A 3 17.89 -11.84 1.02
CA GLU A 3 17.31 -10.50 0.75
C GLU A 3 16.29 -10.53 -0.33
N PHE A 4 16.59 -11.23 -1.41
CA PHE A 4 15.66 -11.31 -2.52
C PHE A 4 14.31 -11.90 -2.09
N GLU A 5 14.39 -12.98 -1.32
CA GLU A 5 13.20 -13.62 -0.82
C GLU A 5 12.39 -12.78 0.12
N LEU A 6 13.04 -12.08 1.05
CA LEU A 6 12.38 -11.21 1.96
C LEU A 6 11.66 -10.11 1.14
N ILE A 7 12.32 -9.61 0.10
CA ILE A 7 11.68 -8.58 -0.72
C ILE A 7 10.50 -9.12 -1.51
N LYS A 8 10.70 -10.27 -2.12
CA LYS A 8 9.65 -10.90 -2.91
C LYS A 8 8.42 -11.34 -2.16
N ARG A 9 8.56 -11.61 -0.85
N ARG A 9 8.57 -11.60 -0.86
CA ARG A 9 7.45 -12.21 -0.05
CA ARG A 9 7.52 -12.23 -0.05
C ARG A 9 6.24 -11.32 -0.20
C ARG A 9 6.25 -11.37 -0.07
N ASN A 10 5.13 -11.98 -0.48
CA ASN A 10 3.81 -11.33 -0.54
C ASN A 10 3.67 -10.23 -1.62
N THR A 11 4.58 -10.20 -2.59
CA THR A 11 4.44 -9.31 -3.71
C THR A 11 3.63 -10.02 -4.80
N SER A 12 3.04 -9.22 -5.69
CA SER A 12 2.32 -9.70 -6.88
C SER A 12 3.23 -9.79 -8.10
N GLU A 13 4.17 -8.86 -8.22
CA GLU A 13 5.14 -8.93 -9.30
C GLU A 13 6.33 -8.07 -9.05
N ILE A 14 7.45 -8.48 -9.66
CA ILE A 14 8.67 -7.67 -9.59
C ILE A 14 9.14 -7.50 -11.03
N ILE A 15 9.20 -6.25 -11.51
CA ILE A 15 9.68 -5.99 -12.91
C ILE A 15 11.08 -5.39 -12.84
N SER A 16 12.12 -6.18 -13.15
CA SER A 16 12.05 -7.67 -13.29
C SER A 16 12.87 -8.25 -12.17
N GLU A 17 12.73 -9.55 -11.96
CA GLU A 17 13.49 -10.24 -10.93
C GLU A 17 14.99 -10.24 -11.23
N GLU A 18 15.38 -10.44 -12.48
CA GLU A 18 16.80 -10.34 -12.84
C GLU A 18 17.41 -8.93 -12.51
N GLU A 19 16.70 -7.87 -12.85
CA GLU A 19 17.16 -6.50 -12.52
C GLU A 19 17.25 -6.24 -11.00
N LEU A 20 16.30 -6.79 -10.22
CA LEU A 20 16.35 -6.68 -8.77
C LEU A 20 17.65 -7.33 -8.26
N ARG A 21 17.97 -8.47 -8.81
CA ARG A 21 19.18 -9.15 -8.39
C ARG A 21 20.41 -8.30 -8.67
N GLU A 22 20.43 -7.56 -9.78
CA GLU A 22 21.53 -6.61 -10.09
C GLU A 22 21.61 -5.50 -9.04
N VAL A 23 20.46 -4.94 -8.70
CA VAL A 23 20.37 -3.85 -7.75
C VAL A 23 20.87 -4.27 -6.40
N LEU A 24 20.53 -5.51 -5.98
CA LEU A 24 20.98 -6.02 -4.68
C LEU A 24 22.49 -6.05 -4.47
N LYS A 25 23.23 -6.13 -5.58
CA LYS A 25 24.71 -6.18 -5.56
C LYS A 25 25.33 -4.86 -5.12
N LYS A 26 24.58 -3.76 -5.29
CA LYS A 26 25.11 -2.44 -5.05
C LYS A 26 25.30 -2.18 -3.57
N ASP A 27 26.34 -1.41 -3.26
CA ASP A 27 26.64 -1.03 -1.89
C ASP A 27 25.63 -0.02 -1.37
N GLU A 28 25.16 0.84 -2.28
CA GLU A 28 24.11 1.82 -1.98
C GLU A 28 22.94 1.66 -2.94
N LYS A 29 21.75 1.54 -2.41
CA LYS A 29 20.59 1.50 -3.26
C LYS A 29 19.43 2.10 -2.52
N SER A 30 18.43 2.49 -3.26
CA SER A 30 17.29 3.22 -2.70
C SER A 30 15.99 2.84 -3.36
N ALA A 31 14.91 3.04 -2.59
CA ALA A 31 13.57 2.71 -3.00
C ALA A 31 12.58 3.77 -2.52
N SER A 32 11.59 4.05 -3.36
CA SER A 32 10.53 4.98 -3.01
C SER A 32 9.15 4.43 -3.28
N ILE A 33 8.17 5.06 -2.60
CA ILE A 33 6.78 4.90 -2.90
C ILE A 33 6.12 6.27 -2.54
N GLY A 34 5.09 6.62 -3.27
CA GLY A 34 4.30 7.82 -2.99
C GLY A 34 2.94 7.55 -2.42
N PHE A 35 2.45 8.50 -1.63
CA PHE A 35 1.08 8.49 -1.15
C PHE A 35 0.46 9.85 -1.41
N GLU A 36 -0.62 9.90 -2.19
CA GLU A 36 -1.50 11.11 -2.24
C GLU A 36 -2.03 11.20 -0.85
N PRO A 37 -1.74 12.29 -0.16
CA PRO A 37 -2.14 12.23 1.24
C PRO A 37 -3.62 11.82 1.50
N SER A 38 -3.83 10.95 2.50
CA SER A 38 -5.12 10.27 2.74
C SER A 38 -5.57 10.53 4.19
N GLY A 39 -6.84 10.95 4.39
CA GLY A 39 -7.30 11.24 5.76
C GLY A 39 -7.28 9.95 6.65
N LYS A 40 -7.35 8.77 6.02
CA LYS A 40 -7.17 7.55 6.84
C LYS A 40 -6.04 6.78 6.21
N ILE A 41 -5.16 6.26 7.08
CA ILE A 41 -4.12 5.28 6.63
C ILE A 41 -4.59 3.87 7.09
N HIS A 42 -4.92 3.10 6.08
CA HIS A 42 -5.59 1.83 6.31
C HIS A 42 -4.65 0.68 6.03
N LEU A 43 -5.20 -0.57 6.16
CA LEU A 43 -4.34 -1.73 5.98
C LEU A 43 -3.70 -1.85 4.63
N GLY A 44 -4.34 -1.34 3.58
CA GLY A 44 -3.70 -1.35 2.27
C GLY A 44 -2.44 -0.53 2.26
N HIS A 45 -2.50 0.65 2.83
CA HIS A 45 -1.28 1.42 3.03
C HIS A 45 -0.24 0.71 3.90
N TYR A 46 -0.70 0.04 4.97
CA TYR A 46 0.21 -0.64 5.85
C TYR A 46 0.91 -1.77 5.11
N LEU A 47 0.20 -2.50 4.24
CA LEU A 47 0.87 -3.54 3.48
C LEU A 47 2.05 -2.96 2.68
N GLN A 48 1.89 -1.79 2.08
CA GLN A 48 2.96 -1.20 1.32
C GLN A 48 4.09 -0.78 2.21
N ILE A 49 3.83 -0.18 3.35
CA ILE A 49 4.91 0.23 4.27
C ILE A 49 5.68 -1.00 4.80
N LYS A 50 4.95 -2.10 5.01
CA LYS A 50 5.63 -3.36 5.42
C LYS A 50 6.63 -3.78 4.34
N LYS A 51 6.30 -3.53 3.03
CA LYS A 51 7.23 -3.90 1.98
C LYS A 51 8.43 -2.94 2.02
N MET A 52 8.18 -1.65 2.32
CA MET A 52 9.27 -0.68 2.41
C MET A 52 10.18 -1.06 3.56
N ILE A 53 9.63 -1.56 4.66
CA ILE A 53 10.45 -2.01 5.78
C ILE A 53 11.30 -3.23 5.39
N ASP A 54 10.73 -4.17 4.63
CA ASP A 54 11.51 -5.27 4.07
C ASP A 54 12.68 -4.78 3.22
N LEU A 55 12.42 -3.78 2.37
CA LEU A 55 13.49 -3.25 1.53
C LEU A 55 14.57 -2.60 2.41
N GLN A 56 14.11 -1.90 3.42
CA GLN A 56 15.05 -1.24 4.29
C GLN A 56 15.97 -2.25 5.02
N ASN A 57 15.33 -3.32 5.47
CA ASN A 57 16.06 -4.42 6.09
C ASN A 57 17.00 -5.14 5.11
N ALA A 58 16.77 -5.04 3.80
CA ALA A 58 17.66 -5.49 2.76
C ALA A 58 18.68 -4.43 2.29
N GLY A 59 18.84 -3.34 3.07
CA GLY A 59 19.88 -2.36 2.90
C GLY A 59 19.56 -1.24 1.94
N PHE A 60 18.29 -1.06 1.65
CA PHE A 60 17.83 0.10 0.87
C PHE A 60 17.58 1.29 1.76
N ASP A 61 18.00 2.43 1.24
CA ASP A 61 17.56 3.73 1.72
C ASP A 61 16.19 4.00 1.18
N ILE A 62 15.28 4.43 2.07
CA ILE A 62 13.84 4.55 1.75
C ILE A 62 13.43 6.01 1.69
N ILE A 63 12.79 6.34 0.61
CA ILE A 63 12.17 7.62 0.40
C ILE A 63 10.67 7.46 0.33
N ILE A 64 9.94 8.22 1.17
CA ILE A 64 8.50 8.20 1.14
C ILE A 64 8.08 9.60 0.60
N ALA A 65 7.46 9.62 -0.58
CA ALA A 65 6.97 10.83 -1.18
C ALA A 65 5.55 11.12 -0.67
N LEU A 66 5.43 12.26 -0.01
CA LEU A 66 4.14 12.78 0.45
C LEU A 66 3.64 13.66 -0.69
N ALA A 67 2.74 13.10 -1.50
CA ALA A 67 2.57 13.57 -2.87
C ALA A 67 1.49 14.53 -2.89
N ASP A 68 1.73 15.67 -2.22
CA ASP A 68 0.81 16.73 -2.09
C ASP A 68 0.41 17.40 -3.49
N LEU A 69 1.40 17.72 -4.31
CA LEU A 69 1.14 18.31 -5.63
C LEU A 69 0.40 17.34 -6.60
N MET A 70 0.79 16.09 -6.56
CA MET A 70 0.09 15.05 -7.31
C MET A 70 -1.38 14.88 -6.84
N ALA A 71 -1.58 14.95 -5.54
CA ALA A 71 -2.96 14.85 -5.03
C ALA A 71 -3.75 16.03 -5.50
N TYR A 72 -3.12 17.21 -5.47
CA TYR A 72 -3.75 18.39 -6.01
C TYR A 72 -4.19 18.20 -7.49
N LEU A 73 -3.24 17.70 -8.33
CA LEU A 73 -3.58 17.44 -9.77
C LEU A 73 -4.68 16.36 -9.92
N ASN A 74 -4.81 15.48 -8.93
CA ASN A 74 -5.86 14.46 -8.99
C ASN A 74 -7.05 14.86 -8.09
N GLN A 75 -7.31 16.18 -7.97
CA GLN A 75 -8.59 16.67 -7.45
C GLN A 75 -8.91 16.29 -6.02
N LYS A 76 -7.85 16.15 -5.22
CA LYS A 76 -8.05 15.87 -3.79
C LYS A 76 -8.29 17.11 -2.92
N GLY A 77 -8.33 18.32 -3.52
CA GLY A 77 -8.61 19.55 -2.76
C GLY A 77 -7.56 20.61 -2.94
N GLU A 78 -7.48 21.53 -1.97
CA GLU A 78 -6.49 22.62 -1.97
C GLU A 78 -5.19 22.14 -1.40
N LEU A 79 -4.06 22.71 -1.87
CA LEU A 79 -2.72 22.25 -1.45
C LEU A 79 -2.46 22.37 0.08
N ASP A 80 -2.92 23.46 0.70
CA ASP A 80 -2.67 23.68 2.14
C ASP A 80 -3.33 22.58 2.96
N GLU A 81 -4.55 22.19 2.59
CA GLU A 81 -5.30 21.15 3.27
C GLU A 81 -4.66 19.82 3.06
N ILE A 82 -4.25 19.54 1.81
CA ILE A 82 -3.64 18.26 1.47
C ILE A 82 -2.31 18.09 2.27
N ARG A 83 -1.59 19.18 2.44
CA ARG A 83 -0.36 19.13 3.20
C ARG A 83 -0.59 18.84 4.68
N LYS A 84 -1.64 19.36 5.21
CA LYS A 84 -1.92 19.08 6.62
C LYS A 84 -2.22 17.59 6.83
N ILE A 85 -2.91 16.99 5.84
CA ILE A 85 -3.21 15.53 5.87
C ILE A 85 -1.92 14.80 5.67
N GLY A 86 -1.10 15.33 4.75
CA GLY A 86 0.28 14.82 4.54
C GLY A 86 1.06 14.66 5.90
N ASP A 87 1.01 15.68 6.71
CA ASP A 87 1.78 15.75 8.01
C ASP A 87 1.31 14.60 8.95
N TYR A 88 0.00 14.36 8.87
CA TYR A 88 -0.59 13.35 9.74
C TYR A 88 -0.13 12.01 9.19
N ASN A 89 -0.28 11.78 7.88
CA ASN A 89 0.22 10.54 7.23
C ASN A 89 1.71 10.23 7.64
N LYS A 90 2.58 11.22 7.53
CA LYS A 90 3.98 11.04 7.94
C LYS A 90 4.03 10.50 9.32
N LYS A 91 3.20 11.01 10.22
CA LYS A 91 3.30 10.57 11.61
C LYS A 91 2.88 9.09 11.76
N VAL A 92 1.85 8.72 11.03
CA VAL A 92 1.36 7.31 11.03
C VAL A 92 2.47 6.37 10.54
N PHE A 93 3.14 6.76 9.48
CA PHE A 93 4.17 5.93 8.88
C PHE A 93 5.30 5.73 9.85
N GLU A 94 5.67 6.85 10.46
CA GLU A 94 6.66 6.80 11.54
C GLU A 94 6.16 5.89 12.65
N ALA A 95 4.89 6.06 13.06
CA ALA A 95 4.37 5.13 14.10
C ALA A 95 4.42 3.58 13.74
N MET A 96 4.44 3.24 12.46
CA MET A 96 4.63 1.85 11.99
C MET A 96 6.02 1.26 12.06
N GLY A 97 6.99 2.05 12.43
CA GLY A 97 8.36 1.55 12.60
C GLY A 97 9.23 1.75 11.37
N LEU A 98 8.78 2.58 10.44
CA LEU A 98 9.61 2.87 9.28
C LEU A 98 10.56 4.01 9.58
N LYS A 99 11.81 3.80 9.27
CA LYS A 99 12.83 4.84 9.31
C LYS A 99 13.04 5.29 7.88
N ALA A 100 12.61 6.50 7.55
CA ALA A 100 12.78 6.95 6.14
C ALA A 100 13.03 8.40 5.98
N LYS A 101 13.40 8.79 4.76
CA LYS A 101 13.40 10.19 4.33
C LYS A 101 12.01 10.54 3.83
N TYR A 102 11.34 11.53 4.42
CA TYR A 102 9.96 11.87 3.98
C TYR A 102 10.01 13.16 3.21
N VAL A 103 9.52 13.21 1.99
CA VAL A 103 9.64 14.40 1.15
C VAL A 103 8.31 14.83 0.61
N TYR A 104 8.01 16.11 0.75
CA TYR A 104 6.78 16.67 0.14
C TYR A 104 7.06 17.00 -1.30
N GLY A 105 6.17 16.56 -2.17
CA GLY A 105 6.34 16.79 -3.60
C GLY A 105 6.60 18.24 -3.92
N SER A 106 5.86 19.13 -3.27
CA SER A 106 5.94 20.54 -3.55
C SER A 106 7.30 21.17 -3.15
N GLU A 107 8.10 20.46 -2.38
CA GLU A 107 9.49 20.90 -2.03
C GLU A 107 10.39 20.93 -3.30
N PHE A 108 10.05 20.14 -4.32
CA PHE A 108 10.89 20.09 -5.53
C PHE A 108 10.15 20.08 -6.86
N GLN A 109 8.85 19.73 -6.82
CA GLN A 109 8.12 19.55 -8.07
C GLN A 109 7.74 20.86 -8.73
N LEU A 110 8.14 22.00 -8.17
CA LEU A 110 7.89 23.29 -8.80
C LEU A 110 9.21 23.98 -9.15
N ASP A 111 10.36 23.32 -8.93
CA ASP A 111 11.68 23.90 -9.28
C ASP A 111 11.76 24.03 -10.78
N LYS A 112 12.52 25.00 -11.25
CA LYS A 112 12.63 25.29 -12.69
C LYS A 112 13.17 24.10 -13.49
N ASP A 113 14.21 23.43 -13.04
N ASP A 113 14.18 23.42 -12.93
CA ASP A 113 14.72 22.36 -13.90
CA ASP A 113 14.77 22.22 -13.57
C ASP A 113 13.83 21.05 -13.77
C ASP A 113 13.80 21.14 -13.75
N TYR A 114 13.11 20.84 -12.66
CA TYR A 114 12.11 19.80 -12.61
C TYR A 114 10.99 20.04 -13.64
N THR A 115 10.46 21.27 -13.62
CA THR A 115 9.45 21.65 -14.58
C THR A 115 9.87 21.55 -16.03
N LEU A 116 11.09 21.93 -16.30
CA LEU A 116 11.55 21.82 -17.66
C LEU A 116 11.56 20.35 -18.10
N ASN A 117 11.92 19.46 -17.18
CA ASN A 117 11.86 18.02 -17.45
C ASN A 117 10.46 17.47 -17.62
N VAL A 118 9.48 18.01 -16.88
CA VAL A 118 8.12 17.67 -17.13
C VAL A 118 7.76 17.95 -18.59
N TYR A 119 8.08 19.14 -19.07
CA TYR A 119 7.77 19.46 -20.41
C TYR A 119 8.53 18.60 -21.48
N ARG A 120 9.80 18.30 -21.22
CA ARG A 120 10.60 17.31 -22.08
C ARG A 120 9.86 15.97 -22.13
N LEU A 121 9.47 15.48 -20.94
CA LEU A 121 8.66 14.23 -20.90
C LEU A 121 7.37 14.30 -21.65
N ALA A 122 6.74 15.45 -21.56
CA ALA A 122 5.46 15.61 -22.25
C ALA A 122 5.57 15.52 -23.72
N LEU A 123 6.71 15.90 -24.28
CA LEU A 123 6.95 15.74 -25.68
C LEU A 123 7.10 14.28 -26.15
N LYS A 124 7.44 13.38 -25.22
CA LYS A 124 7.72 11.95 -25.46
C LYS A 124 6.51 11.08 -25.13
N THR A 125 5.57 11.62 -24.36
CA THR A 125 4.47 10.82 -23.83
C THR A 125 3.25 11.01 -24.63
N THR A 126 2.67 9.96 -25.17
CA THR A 126 1.43 10.14 -25.93
C THR A 126 0.23 10.35 -25.00
N LEU A 127 -0.74 11.14 -25.49
CA LEU A 127 -2.00 11.35 -24.73
C LEU A 127 -2.63 9.97 -24.45
N LYS A 128 -2.64 9.11 -25.42
CA LYS A 128 -3.26 7.80 -25.25
C LYS A 128 -2.61 6.98 -24.12
N ARG A 129 -1.26 6.91 -24.07
CA ARG A 129 -0.60 6.16 -23.06
C ARG A 129 -0.82 6.83 -21.70
N ALA A 130 -0.78 8.18 -21.68
CA ALA A 130 -0.97 8.88 -20.38
C ALA A 130 -2.36 8.58 -19.84
N ARG A 131 -3.40 8.64 -20.67
CA ARG A 131 -4.82 8.42 -20.18
C ARG A 131 -4.97 6.99 -19.72
N ARG A 132 -4.45 6.07 -20.50
CA ARG A 132 -4.55 4.64 -20.19
C ARG A 132 -3.85 4.35 -18.84
N SER A 133 -2.70 4.99 -18.60
CA SER A 133 -1.98 4.79 -17.33
C SER A 133 -2.75 5.23 -16.09
N MET A 134 -3.70 6.12 -16.30
CA MET A 134 -4.53 6.61 -15.20
C MET A 134 -5.83 5.92 -15.02
N GLU A 135 -6.14 4.95 -15.87
CA GLU A 135 -7.43 4.29 -15.72
C GLU A 135 -7.76 3.78 -14.30
N LEU A 136 -6.79 3.27 -13.57
CA LEU A 136 -7.08 2.82 -12.18
C LEU A 136 -6.71 3.82 -11.05
N ILE A 137 -6.40 5.07 -11.43
CA ILE A 137 -5.93 6.08 -10.48
C ILE A 137 -6.69 7.44 -10.48
N ALA A 138 -7.07 7.90 -11.67
CA ALA A 138 -7.76 9.17 -11.81
C ALA A 138 -9.10 9.16 -11.12
N ARG A 139 -9.37 10.27 -10.45
CA ARG A 139 -10.63 10.50 -9.83
C ARG A 139 -11.68 10.55 -10.95
N GLU A 140 -12.84 9.94 -10.73
CA GLU A 140 -13.85 9.91 -11.78
C GLU A 140 -14.27 11.34 -12.16
N ASP A 141 -14.44 11.54 -13.47
CA ASP A 141 -14.70 12.84 -14.08
C ASP A 141 -15.24 12.55 -15.49
N GLU A 142 -16.42 13.07 -15.77
CA GLU A 142 -17.13 12.89 -17.07
C GLU A 142 -16.52 13.75 -18.18
N ASN A 143 -15.72 14.74 -17.78
CA ASN A 143 -15.14 15.70 -18.68
C ASN A 143 -13.65 15.76 -18.31
N PRO A 144 -12.86 14.72 -18.71
CA PRO A 144 -11.52 14.56 -18.24
C PRO A 144 -10.66 15.79 -18.58
N LYS A 145 -9.87 16.14 -17.58
CA LYS A 145 -9.09 17.38 -17.60
C LYS A 145 -7.68 17.11 -18.02
N VAL A 146 -6.99 18.17 -18.44
CA VAL A 146 -5.55 18.11 -18.78
C VAL A 146 -4.72 17.63 -17.60
N ALA A 147 -5.17 17.99 -16.40
CA ALA A 147 -4.44 17.58 -15.20
C ALA A 147 -4.20 16.06 -15.15
N GLU A 148 -5.17 15.30 -15.68
CA GLU A 148 -5.08 13.85 -15.65
C GLU A 148 -3.87 13.35 -16.36
N VAL A 149 -3.45 13.97 -17.46
CA VAL A 149 -2.32 13.48 -18.22
C VAL A 149 -1.03 14.09 -17.79
N ILE A 150 -1.08 15.17 -17.02
CA ILE A 150 0.12 15.73 -16.37
C ILE A 150 0.58 14.79 -15.23
N TYR A 151 -0.40 14.31 -14.46
CA TYR A 151 -0.13 13.41 -13.31
C TYR A 151 0.88 12.28 -13.54
N PRO A 152 0.69 11.48 -14.56
CA PRO A 152 1.64 10.35 -14.67
C PRO A 152 3.04 10.85 -15.05
N ILE A 153 3.13 11.93 -15.83
CA ILE A 153 4.46 12.46 -16.11
C ILE A 153 5.13 12.97 -14.87
N MET A 154 4.36 13.59 -13.95
N MET A 154 4.35 13.59 -13.97
CA MET A 154 4.95 14.08 -12.70
CA MET A 154 4.87 14.08 -12.72
C MET A 154 5.41 12.90 -11.85
C MET A 154 5.39 12.91 -11.88
N GLN A 155 4.67 11.81 -11.85
CA GLN A 155 5.14 10.60 -11.10
C GLN A 155 6.46 10.06 -11.70
N VAL A 156 6.53 9.97 -13.01
CA VAL A 156 7.74 9.51 -13.72
C VAL A 156 8.91 10.43 -13.38
N ASN A 157 8.67 11.75 -13.50
CA ASN A 157 9.75 12.70 -13.23
C ASN A 157 10.17 12.66 -11.78
N SER A 158 9.23 12.43 -10.86
CA SER A 158 9.60 12.35 -9.47
C SER A 158 10.50 11.09 -9.21
N ILE A 159 10.12 9.98 -9.81
CA ILE A 159 10.98 8.73 -9.74
C ILE A 159 12.43 9.09 -10.19
N HIS A 160 12.55 9.85 -11.27
CA HIS A 160 13.80 10.26 -11.80
C HIS A 160 14.59 11.11 -10.81
N TYR A 161 13.93 12.11 -10.24
CA TYR A 161 14.58 13.06 -9.33
C TYR A 161 14.91 12.42 -8.02
N GLU A 162 14.12 11.43 -7.58
CA GLU A 162 14.40 10.70 -6.35
C GLU A 162 15.68 9.83 -6.42
N GLY A 163 16.07 9.49 -7.65
CA GLY A 163 17.28 8.71 -7.84
C GLY A 163 17.19 7.22 -7.52
N VAL A 164 15.99 6.71 -7.26
CA VAL A 164 15.83 5.43 -6.69
C VAL A 164 16.09 4.31 -7.73
N ASP A 165 16.50 3.16 -7.21
CA ASP A 165 16.64 1.96 -7.98
C ASP A 165 15.36 1.17 -8.14
N VAL A 166 14.47 1.34 -7.13
CA VAL A 166 13.24 0.57 -7.04
C VAL A 166 12.08 1.53 -6.73
N ALA A 167 10.98 1.28 -7.37
CA ALA A 167 9.71 1.96 -7.07
C ALA A 167 8.69 0.93 -6.69
N VAL A 168 7.90 1.23 -5.66
CA VAL A 168 6.97 0.34 -5.05
C VAL A 168 5.59 0.91 -5.02
N GLY A 169 4.61 0.07 -5.35
CA GLY A 169 3.23 0.41 -5.09
C GLY A 169 2.28 -0.70 -5.36
N GLY A 170 0.99 -0.45 -5.24
CA GLY A 170 0.01 -1.44 -5.60
C GLY A 170 -0.01 -1.70 -7.08
N MET A 171 -0.66 -2.82 -7.41
CA MET A 171 -0.69 -3.27 -8.79
C MET A 171 -1.21 -2.21 -9.69
N GLU A 172 -2.11 -1.34 -9.21
CA GLU A 172 -2.69 -0.33 -10.10
C GLU A 172 -1.67 0.71 -10.65
N GLN A 173 -0.54 0.82 -10.00
CA GLN A 173 0.52 1.73 -10.43
C GLN A 173 1.30 1.16 -11.60
N ARG A 174 0.97 -0.05 -12.06
CA ARG A 174 1.92 -0.70 -12.99
C ARG A 174 2.08 0.05 -14.32
N LYS A 175 0.99 0.68 -14.82
CA LYS A 175 1.09 1.37 -16.12
C LYS A 175 1.94 2.62 -16.01
N ILE A 176 1.82 3.38 -14.91
CA ILE A 176 2.71 4.51 -14.67
C ILE A 176 4.17 4.04 -14.53
N HIS A 177 4.37 2.92 -13.82
CA HIS A 177 5.67 2.32 -13.77
C HIS A 177 6.26 1.89 -15.07
N MET A 178 5.45 1.29 -15.94
CA MET A 178 5.94 0.96 -17.31
C MET A 178 6.33 2.21 -18.06
N LEU A 179 5.59 3.26 -17.89
CA LEU A 179 5.94 4.54 -18.53
C LEU A 179 7.26 4.99 -18.02
N ALA A 180 7.49 4.87 -16.74
CA ALA A 180 8.76 5.31 -16.15
C ALA A 180 9.94 4.48 -16.77
N ARG A 181 9.71 3.20 -16.94
CA ARG A 181 10.75 2.33 -17.54
C ARG A 181 11.06 2.68 -18.99
N GLU A 182 10.11 3.28 -19.69
CA GLU A 182 10.29 3.69 -21.07
C GLU A 182 10.83 5.12 -21.21
N LEU A 183 10.61 5.99 -20.25
CA LEU A 183 10.83 7.41 -20.46
C LEU A 183 12.15 7.89 -19.88
N LEU A 184 12.70 7.12 -18.93
CA LEU A 184 13.89 7.57 -18.13
C LEU A 184 15.12 6.78 -18.55
N PRO A 185 16.31 7.40 -18.37
CA PRO A 185 17.56 6.68 -18.79
C PRO A 185 17.90 5.46 -18.00
N LYS A 186 17.57 5.45 -16.71
CA LYS A 186 17.84 4.33 -15.80
C LYS A 186 16.49 3.67 -15.63
N LYS A 187 16.40 2.39 -15.99
CA LYS A 187 15.17 1.59 -15.74
CA LYS A 187 15.18 1.61 -15.71
C LYS A 187 14.99 1.23 -14.28
N VAL A 188 13.91 1.72 -13.66
CA VAL A 188 13.60 1.42 -12.30
C VAL A 188 13.00 0.06 -12.16
N VAL A 189 13.45 -0.68 -11.16
CA VAL A 189 12.86 -1.93 -10.83
C VAL A 189 11.56 -1.64 -10.10
N CYS A 190 10.49 -2.30 -10.52
CA CYS A 190 9.16 -1.99 -9.95
C CYS A 190 8.60 -3.21 -9.21
N ILE A 191 8.19 -3.00 -7.99
CA ILE A 191 7.66 -4.01 -7.11
C ILE A 191 6.23 -3.66 -6.80
N HIS A 192 5.35 -4.58 -7.23
CA HIS A 192 3.92 -4.37 -7.03
C HIS A 192 3.34 -5.33 -5.96
N ASN A 193 2.69 -4.72 -5.03
CA ASN A 193 1.96 -5.39 -3.93
C ASN A 193 0.52 -5.58 -4.30
N PRO A 194 -0.11 -6.63 -3.74
CA PRO A 194 -1.52 -6.92 -4.08
C PRO A 194 -2.43 -5.84 -3.51
N VAL A 195 -3.59 -5.73 -4.15
CA VAL A 195 -4.57 -4.75 -3.73
C VAL A 195 -5.49 -5.46 -2.76
N LEU A 196 -5.62 -4.92 -1.57
CA LEU A 196 -6.47 -5.52 -0.52
C LEU A 196 -7.95 -5.17 -0.74
N THR A 197 -8.80 -6.17 -0.66
CA THR A 197 -10.20 -6.01 -0.78
C THR A 197 -10.74 -5.20 0.37
N GLY A 198 -11.72 -4.33 0.11
CA GLY A 198 -12.44 -3.69 1.20
C GLY A 198 -13.34 -4.57 2.00
N LEU A 199 -13.73 -4.06 3.17
CA LEU A 199 -14.51 -4.82 4.14
C LEU A 199 -15.86 -5.19 3.59
N ASP A 200 -16.38 -4.32 2.70
CA ASP A 200 -17.63 -4.49 2.05
C ASP A 200 -17.61 -5.65 1.04
N GLY A 201 -16.45 -6.09 0.59
CA GLY A 201 -16.33 -7.03 -0.49
C GLY A 201 -16.73 -6.45 -1.86
N GLU A 202 -16.60 -5.15 -2.03
CA GLU A 202 -16.92 -4.42 -3.31
C GLU A 202 -15.63 -3.64 -3.68
N GLY A 203 -14.65 -4.31 -4.19
CA GLY A 203 -13.55 -3.57 -4.71
C GLY A 203 -12.60 -3.27 -3.59
N LYS A 204 -11.63 -2.47 -3.91
CA LYS A 204 -10.47 -2.24 -3.04
C LYS A 204 -10.77 -1.49 -1.77
N MET A 205 -9.99 -1.78 -0.73
CA MET A 205 -10.10 -1.03 0.49
C MET A 205 -9.75 0.45 0.17
N SER A 206 -10.62 1.31 0.70
CA SER A 206 -10.65 2.77 0.48
C SER A 206 -11.35 3.37 1.75
N SER A 207 -11.41 4.68 1.79
CA SER A 207 -11.93 5.48 2.91
C SER A 207 -13.44 5.45 3.17
N SER A 208 -14.18 4.79 2.27
CA SER A 208 -15.61 4.59 2.34
C SER A 208 -16.02 4.11 3.71
N LYS A 209 -17.03 4.74 4.28
CA LYS A 209 -17.55 4.34 5.60
C LYS A 209 -17.64 2.81 5.80
N GLY A 210 -16.96 2.33 6.84
CA GLY A 210 -17.00 0.90 7.24
C GLY A 210 -16.16 -0.01 6.33
N ASN A 211 -15.53 0.53 5.26
CA ASN A 211 -14.86 -0.20 4.19
C ASN A 211 -13.39 -0.52 4.35
N PHE A 212 -12.83 0.09 5.38
CA PHE A 212 -11.40 0.00 5.67
C PHE A 212 -11.23 -0.18 7.18
N ILE A 213 -10.11 -0.74 7.56
CA ILE A 213 -9.60 -0.67 8.91
C ILE A 213 -8.42 0.34 8.86
N ALA A 214 -8.52 1.42 9.61
CA ALA A 214 -7.42 2.41 9.74
C ALA A 214 -6.47 1.82 10.78
N VAL A 215 -5.16 2.01 10.60
CA VAL A 215 -4.20 1.46 11.53
C VAL A 215 -4.31 2.06 12.91
N ASP A 216 -4.94 3.23 13.06
CA ASP A 216 -5.17 3.88 14.32
C ASP A 216 -6.63 3.83 14.77
N ASP A 217 -7.41 2.90 14.19
CA ASP A 217 -8.78 2.75 14.65
C ASP A 217 -8.76 2.24 16.09
N SER A 218 -9.73 2.68 16.85
CA SER A 218 -9.94 2.12 18.18
C SER A 218 -10.35 0.65 18.17
N PRO A 219 -10.15 -0.08 19.28
CA PRO A 219 -10.56 -1.47 19.31
C PRO A 219 -12.01 -1.70 18.98
N GLU A 220 -12.89 -0.88 19.53
CA GLU A 220 -14.30 -1.02 19.27
C GLU A 220 -14.69 -0.78 17.81
N GLU A 221 -14.01 0.13 17.11
N GLU A 221 -14.00 0.15 17.15
CA GLU A 221 -14.23 0.27 15.65
CA GLU A 221 -14.15 0.37 15.71
C GLU A 221 -13.70 -0.90 14.87
C GLU A 221 -13.67 -0.82 14.89
N ILE A 222 -12.58 -1.45 15.29
CA ILE A 222 -12.03 -2.61 14.57
C ILE A 222 -13.02 -3.79 14.72
N ARG A 223 -13.51 -3.97 15.96
CA ARG A 223 -14.50 -5.05 16.14
C ARG A 223 -15.76 -4.84 15.33
N ALA A 224 -16.31 -3.62 15.38
CA ALA A 224 -17.57 -3.29 14.71
C ALA A 224 -17.39 -3.48 13.23
N LYS A 225 -16.26 -3.00 12.68
CA LYS A 225 -16.05 -3.09 11.25
C LYS A 225 -15.82 -4.48 10.73
N ILE A 226 -15.09 -5.28 11.52
CA ILE A 226 -14.87 -6.63 11.15
C ILE A 226 -16.14 -7.46 11.25
N LYS A 227 -16.95 -7.21 12.29
CA LYS A 227 -18.18 -7.94 12.49
C LYS A 227 -19.11 -7.84 11.30
N LYS A 228 -19.17 -6.66 10.68
CA LYS A 228 -20.07 -6.34 9.56
C LYS A 228 -19.52 -6.76 8.21
N ALA A 229 -18.27 -7.18 8.15
CA ALA A 229 -17.54 -7.38 6.87
C ALA A 229 -18.12 -8.53 6.08
N TYR A 230 -17.96 -8.45 4.77
CA TYR A 230 -18.29 -9.51 3.85
C TYR A 230 -17.37 -10.68 4.16
N CYS A 231 -17.95 -11.87 4.43
CA CYS A 231 -17.14 -13.01 4.86
C CYS A 231 -17.98 -14.32 4.82
N PRO A 232 -18.34 -14.77 3.61
CA PRO A 232 -19.23 -15.91 3.51
C PRO A 232 -18.52 -17.22 3.91
N ALA A 233 -19.28 -18.09 4.56
CA ALA A 233 -18.78 -19.39 5.01
C ALA A 233 -18.17 -20.09 3.84
N GLY A 234 -16.95 -20.53 4.01
CA GLY A 234 -16.24 -21.29 3.01
C GLY A 234 -15.45 -20.54 1.99
N VAL A 235 -15.69 -19.24 1.85
CA VAL A 235 -15.25 -18.52 0.69
C VAL A 235 -13.98 -17.80 1.10
N VAL A 236 -12.89 -18.10 0.41
CA VAL A 236 -11.63 -17.43 0.66
C VAL A 236 -11.37 -16.29 -0.34
N GLU A 237 -11.58 -16.52 -1.64
CA GLU A 237 -11.31 -15.51 -2.66
C GLU A 237 -12.21 -14.30 -2.48
N GLY A 238 -11.61 -13.11 -2.48
CA GLY A 238 -12.29 -11.87 -2.24
C GLY A 238 -12.86 -11.67 -0.89
N ASN A 239 -12.41 -12.48 0.08
CA ASN A 239 -12.88 -12.39 1.46
C ASN A 239 -11.85 -11.50 2.24
N PRO A 240 -12.23 -10.29 2.55
CA PRO A 240 -11.23 -9.37 3.18
C PRO A 240 -10.78 -9.87 4.53
N ILE A 241 -11.60 -10.63 5.23
CA ILE A 241 -11.18 -11.14 6.55
C ILE A 241 -10.05 -12.13 6.41
N MET A 242 -10.13 -13.00 5.40
CA MET A 242 -9.06 -13.96 5.06
C MET A 242 -7.80 -13.21 4.56
N GLU A 243 -7.96 -12.14 3.80
CA GLU A 243 -6.81 -11.41 3.32
C GLU A 243 -6.08 -10.80 4.50
N ILE A 244 -6.85 -10.24 5.46
CA ILE A 244 -6.28 -9.64 6.68
C ILE A 244 -5.49 -10.72 7.40
N ALA A 245 -6.09 -11.88 7.53
CA ALA A 245 -5.43 -13.00 8.23
C ALA A 245 -4.15 -13.41 7.54
N LYS A 246 -4.11 -13.38 6.24
CA LYS A 246 -2.96 -13.73 5.51
C LYS A 246 -1.80 -12.72 5.70
N TYR A 247 -2.11 -11.45 5.55
CA TYR A 247 -1.04 -10.45 5.43
C TYR A 247 -0.67 -9.83 6.74
N PHE A 248 -1.50 -9.87 7.77
CA PHE A 248 -1.18 -9.13 8.97
C PHE A 248 -1.01 -9.93 10.21
N LEU A 249 -1.63 -11.10 10.29
CA LEU A 249 -1.63 -11.86 11.58
C LEU A 249 -0.36 -12.62 11.75
N GLU A 250 -0.03 -12.85 13.02
CA GLU A 250 1.12 -13.69 13.36
C GLU A 250 0.69 -15.09 13.74
N TYR A 251 1.43 -16.06 13.25
CA TYR A 251 1.17 -17.49 13.45
C TYR A 251 2.37 -18.12 14.18
N PRO A 252 2.18 -19.21 14.93
CA PRO A 252 0.87 -19.80 15.22
C PRO A 252 -0.04 -18.92 16.10
N LEU A 253 -1.33 -19.10 15.99
CA LEU A 253 -2.32 -18.47 16.88
C LEU A 253 -3.40 -19.50 17.26
N THR A 254 -4.08 -19.34 18.40
CA THR A 254 -5.08 -20.29 18.81
C THR A 254 -6.43 -19.56 18.78
N ILE A 255 -7.44 -20.30 18.32
CA ILE A 255 -8.85 -19.86 18.31
C ILE A 255 -9.64 -20.65 19.30
N LYS A 256 -10.38 -19.90 20.08
CA LYS A 256 -10.94 -20.29 21.35
C LYS A 256 -12.31 -20.96 21.07
N ARG A 257 -12.58 -22.21 21.47
CA ARG A 257 -13.92 -22.83 21.16
C ARG A 257 -14.42 -23.94 22.09
N PRO A 258 -15.69 -23.84 22.57
CA PRO A 258 -16.32 -24.93 23.33
C PRO A 258 -16.32 -26.24 22.55
N GLU A 259 -16.40 -27.34 23.29
CA GLU A 259 -16.26 -28.68 22.71
C GLU A 259 -17.31 -29.00 21.64
N LYS A 260 -18.56 -28.59 21.90
CA LYS A 260 -19.69 -29.01 21.07
C LYS A 260 -19.62 -28.42 19.68
N PHE A 261 -18.95 -27.26 19.57
CA PHE A 261 -18.66 -26.58 18.29
C PHE A 261 -17.32 -27.01 17.62
N GLY A 262 -16.77 -28.14 18.04
CA GLY A 262 -15.49 -28.63 17.54
C GLY A 262 -14.32 -28.59 18.52
N GLY A 263 -14.33 -27.64 19.46
CA GLY A 263 -13.22 -27.46 20.42
C GLY A 263 -12.18 -26.50 19.88
N ASP A 264 -11.16 -26.21 20.71
CA ASP A 264 -10.14 -25.19 20.32
C ASP A 264 -9.43 -25.63 19.08
N LEU A 265 -8.94 -24.61 18.38
CA LEU A 265 -8.11 -24.76 17.21
C LEU A 265 -6.77 -24.06 17.38
N THR A 266 -5.73 -24.86 17.26
CA THR A 266 -4.42 -24.30 17.13
C THR A 266 -4.20 -24.20 15.66
N VAL A 267 -3.80 -23.02 15.18
CA VAL A 267 -3.67 -22.70 13.77
C VAL A 267 -2.20 -22.38 13.55
N ASN A 268 -1.48 -23.29 12.91
CA ASN A 268 -0.04 -23.15 12.74
C ASN A 268 0.35 -22.08 11.73
N SER A 269 -0.52 -21.76 10.81
CA SER A 269 -0.21 -20.88 9.70
C SER A 269 -1.46 -20.34 9.07
N TYR A 270 -1.29 -19.37 8.18
CA TYR A 270 -2.39 -18.95 7.37
C TYR A 270 -2.96 -20.09 6.51
N GLU A 271 -2.07 -20.92 5.96
CA GLU A 271 -2.49 -22.02 5.12
C GLU A 271 -3.39 -23.00 5.91
N GLU A 272 -3.08 -23.27 7.19
CA GLU A 272 -4.01 -24.04 8.03
C GLU A 272 -5.36 -23.35 8.28
N LEU A 273 -5.31 -22.06 8.48
CA LEU A 273 -6.55 -21.26 8.66
C LEU A 273 -7.43 -21.38 7.37
N GLU A 274 -6.77 -21.37 6.24
CA GLU A 274 -7.44 -21.38 4.95
C GLU A 274 -8.13 -22.71 4.76
N SER A 275 -7.44 -23.80 5.10
CA SER A 275 -8.00 -25.10 4.83
C SER A 275 -9.14 -25.33 5.84
N LEU A 276 -9.01 -24.86 7.07
CA LEU A 276 -10.10 -24.92 8.06
C LEU A 276 -11.34 -24.13 7.62
N PHE A 277 -11.11 -22.97 7.06
CA PHE A 277 -12.22 -22.11 6.62
C PHE A 277 -12.94 -22.70 5.38
N LYS A 278 -12.14 -23.11 4.41
CA LYS A 278 -12.66 -23.66 3.14
C LYS A 278 -13.42 -24.98 3.39
N ASN A 279 -12.97 -25.75 4.39
CA ASN A 279 -13.67 -27.02 4.76
C ASN A 279 -14.84 -26.79 5.74
N LYS A 280 -15.11 -25.52 6.09
CA LYS A 280 -16.20 -25.15 7.01
C LYS A 280 -16.07 -25.71 8.43
N GLU A 281 -14.84 -25.99 8.82
CA GLU A 281 -14.51 -26.41 10.18
C GLU A 281 -14.51 -25.17 11.07
N LEU A 282 -14.21 -24.03 10.48
CA LEU A 282 -14.21 -22.78 11.17
C LEU A 282 -15.24 -21.86 10.51
N HIS A 283 -16.19 -21.38 11.30
CA HIS A 283 -17.27 -20.53 10.85
C HIS A 283 -16.94 -19.02 10.85
N PRO A 284 -17.67 -18.25 10.00
CA PRO A 284 -17.41 -16.80 9.91
C PRO A 284 -17.37 -16.02 11.21
N MET A 285 -18.28 -16.31 12.16
CA MET A 285 -18.38 -15.50 13.37
C MET A 285 -17.12 -15.71 14.21
N ARG A 286 -16.70 -16.96 14.35
CA ARG A 286 -15.44 -17.24 15.10
C ARG A 286 -14.18 -16.71 14.40
N LEU A 287 -14.15 -16.76 13.08
CA LEU A 287 -13.04 -16.26 12.33
C LEU A 287 -12.94 -14.74 12.52
N LYS A 288 -14.09 -14.09 12.39
CA LYS A 288 -14.14 -12.64 12.60
C LYS A 288 -13.70 -12.22 14.02
N ASN A 289 -14.16 -12.95 15.03
N ASN A 289 -14.15 -12.93 15.05
CA ASN A 289 -13.77 -12.64 16.40
CA ASN A 289 -13.72 -12.60 16.42
C ASN A 289 -12.26 -12.75 16.60
C ASN A 289 -12.20 -12.71 16.53
N ALA A 290 -11.67 -13.83 16.07
CA ALA A 290 -10.24 -14.03 16.10
C ALA A 290 -9.49 -12.95 15.41
N VAL A 291 -9.91 -12.64 14.17
CA VAL A 291 -9.18 -11.68 13.39
C VAL A 291 -9.22 -10.30 14.02
N ALA A 292 -10.36 -9.89 14.55
CA ALA A 292 -10.48 -8.62 15.15
C ALA A 292 -9.56 -8.57 16.35
N GLU A 293 -9.67 -9.58 17.22
CA GLU A 293 -8.88 -9.52 18.45
C GLU A 293 -7.38 -9.57 18.13
N GLU A 294 -6.97 -10.40 17.16
CA GLU A 294 -5.56 -10.46 16.80
C GLU A 294 -5.12 -9.15 16.16
N LEU A 295 -5.94 -8.56 15.29
CA LEU A 295 -5.62 -7.26 14.69
C LEU A 295 -5.46 -6.15 15.70
N ILE A 296 -6.34 -6.12 16.71
CA ILE A 296 -6.27 -5.12 17.70
C ILE A 296 -4.88 -5.13 18.31
N LYS A 297 -4.40 -6.34 18.63
CA LYS A 297 -3.08 -6.51 19.25
C LYS A 297 -1.94 -6.12 18.32
N ILE A 298 -2.02 -6.55 17.09
CA ILE A 298 -1.04 -6.21 16.07
C ILE A 298 -0.89 -4.71 15.89
N LEU A 299 -2.01 -4.01 15.94
CA LEU A 299 -2.03 -2.55 15.71
C LEU A 299 -1.80 -1.68 16.92
N GLU A 300 -1.82 -2.30 18.09
CA GLU A 300 -1.69 -1.60 19.34
C GLU A 300 -0.45 -0.74 19.41
N PRO A 301 0.70 -1.26 18.96
CA PRO A 301 1.88 -0.35 19.05
C PRO A 301 1.75 0.92 18.21
N ILE A 302 1.06 0.85 17.08
CA ILE A 302 0.83 2.05 16.25
C ILE A 302 -0.09 3.07 16.95
N ARG A 303 -1.17 2.61 17.52
CA ARG A 303 -2.09 3.42 18.28
C ARG A 303 -1.37 4.02 19.42
N LYS A 304 -0.61 3.21 20.12
CA LYS A 304 0.02 3.72 21.38
C LYS A 304 1.05 4.80 21.04
N ARG A 305 1.79 4.54 19.98
CA ARG A 305 2.83 5.46 19.60
C ARG A 305 2.23 6.78 19.13
N LEU A 306 1.13 6.71 18.39
CA LEU A 306 0.40 7.92 17.99
C LEU A 306 -0.23 8.67 19.14
N SER A 307 -0.84 7.94 20.05
CA SER A 307 -1.53 8.56 21.19
C SER A 307 -0.54 9.29 22.09
N ALA A 308 0.65 8.67 22.25
CA ALA A 308 1.75 9.20 23.04
C ALA A 308 2.34 10.49 22.50
N HIS A 309 2.21 10.76 21.19
CA HIS A 309 2.58 12.10 20.71
C HIS A 309 1.54 13.17 21.17
#